data_3FDW
#
_entry.id   3FDW
#
_cell.length_a   25.461
_cell.length_b   57.207
_cell.length_c   124.083
_cell.angle_alpha   90.000
_cell.angle_beta   90.010
_cell.angle_gamma   90.000
#
_symmetry.space_group_name_H-M   'P 1 21 1'
#
loop_
_entity.id
_entity.type
_entity.pdbx_description
1 polymer 'Synaptotagmin-like protein 4'
2 water water
#
_entity_poly.entity_id   1
_entity_poly.type   'polypeptide(L)'
_entity_poly.pdbx_seq_one_letter_code
;MSLGNIFVTGRIAFSLKYEQQTQSLVVHVKECHQLAYADEAKKRSNPYVKTYLLPDKSRQGKRKTSIKRDTVNPLYDETL
RYEIPESLLAQRTLQFSVWHHGRFGRNTFLGEAEIQMDSWKLDKKLDHCLPLHGKISAESEGHHHHHH
;
_entity_poly.pdbx_strand_id   A,B
#
# COMPACT_ATOMS: atom_id res chain seq x y z
N ILE A 6 17.70 22.39 16.20
CA ILE A 6 16.85 23.59 15.86
C ILE A 6 15.55 23.45 16.62
N PHE A 7 15.06 24.55 17.17
CA PHE A 7 13.79 24.57 17.85
C PHE A 7 12.66 24.87 16.84
N VAL A 8 11.85 23.86 16.54
CA VAL A 8 10.91 23.97 15.43
C VAL A 8 9.80 24.96 15.74
N THR A 9 9.48 25.81 14.79
CA THR A 9 8.37 26.77 14.92
C THR A 9 7.63 26.75 13.58
N GLY A 10 6.44 27.34 13.58
CA GLY A 10 5.74 27.71 12.39
C GLY A 10 4.70 26.68 11.98
N ARG A 11 4.16 26.88 10.77
CA ARG A 11 3.02 26.13 10.26
C ARG A 11 3.20 25.85 8.79
N ILE A 12 2.52 24.80 8.34
CA ILE A 12 2.42 24.52 6.94
C ILE A 12 0.98 24.49 6.42
N ALA A 13 0.72 25.20 5.31
CA ALA A 13 -0.61 25.18 4.65
C ALA A 13 -0.63 24.35 3.37
N PHE A 14 -1.70 23.58 3.12
CA PHE A 14 -1.74 22.73 1.93
C PHE A 14 -3.19 22.29 1.68
N SER A 15 -3.46 21.76 0.49
CA SER A 15 -4.77 21.20 0.21
C SER A 15 -4.58 19.80 -0.33
N LEU A 16 -5.61 18.98 -0.14
CA LEU A 16 -5.58 17.59 -0.52
C LEU A 16 -6.84 17.31 -1.31
N LYS A 17 -6.68 16.63 -2.45
CA LYS A 17 -7.79 16.13 -3.21
C LYS A 17 -7.45 14.72 -3.68
N TYR A 18 -8.47 13.90 -3.82
CA TYR A 18 -8.34 12.63 -4.50
C TYR A 18 -9.13 12.68 -5.80
N GLU A 19 -8.42 12.69 -6.92
CA GLU A 19 -9.05 12.57 -8.24
C GLU A 19 -9.26 11.09 -8.61
N GLN A 20 -10.51 10.68 -8.82
CA GLN A 20 -10.77 9.43 -9.57
C GLN A 20 -10.39 9.59 -11.03
N GLN A 21 -10.64 10.75 -11.61
CA GLN A 21 -10.40 10.90 -13.05
C GLN A 21 -8.95 10.50 -13.35
N THR A 22 -8.15 10.34 -12.30
CA THR A 22 -6.74 10.00 -12.47
C THR A 22 -6.24 9.02 -11.40
N GLN A 23 -7.14 8.57 -10.51
CA GLN A 23 -6.80 7.67 -9.36
C GLN A 23 -5.61 8.15 -8.48
N SER A 24 -5.52 9.44 -8.21
CA SER A 24 -4.35 9.97 -7.49
C SER A 24 -4.67 11.04 -6.43
N LEU A 25 -3.98 10.94 -5.30
CA LEU A 25 -4.00 11.95 -4.27
C LEU A 25 -3.20 13.14 -4.76
N VAL A 26 -3.84 14.30 -4.81
CA VAL A 26 -3.19 15.52 -5.21
C VAL A 26 -2.93 16.39 -3.99
N VAL A 27 -1.65 16.54 -3.68
CA VAL A 27 -1.22 17.30 -2.53
C VAL A 27 -0.69 18.64 -3.02
N HIS A 28 -1.45 19.69 -2.82
CA HIS A 28 -0.94 20.98 -3.21
C HIS A 28 -0.26 21.68 -2.01
N VAL A 29 1.05 21.85 -2.09
CA VAL A 29 1.76 22.56 -1.03
C VAL A 29 1.73 24.07 -1.30
N LYS A 30 1.12 24.80 -0.40
CA LYS A 30 0.98 26.23 -0.58
C LYS A 30 2.15 27.02 -0.03
N GLU A 31 2.53 26.80 1.22
CA GLU A 31 3.37 27.81 1.86
C GLU A 31 3.68 27.39 3.30
N CYS A 32 4.85 27.77 3.81
CA CYS A 32 5.12 27.66 5.26
C CYS A 32 5.17 29.09 5.84
N HIS A 33 4.93 29.19 7.14
CA HIS A 33 4.94 30.44 7.86
C HIS A 33 5.79 30.30 9.12
N GLN A 34 6.71 31.25 9.34
CA GLN A 34 7.52 31.34 10.57
C GLN A 34 8.31 30.08 10.86
N LEU A 35 8.98 29.58 9.82
CA LEU A 35 9.94 28.50 10.01
C LEU A 35 11.04 29.00 10.93
N ALA A 36 11.76 28.08 11.58
CA ALA A 36 12.95 28.45 12.35
C ALA A 36 14.08 28.85 11.40
N TYR A 37 15.05 29.61 11.91
CA TYR A 37 16.28 29.86 11.14
C TYR A 37 17.20 28.67 11.30
N ALA A 38 17.61 28.04 10.20
CA ALA A 38 18.64 27.00 10.25
C ALA A 38 20.03 27.62 10.54
N ASP A 39 20.26 28.83 10.05
CA ASP A 39 21.50 29.55 10.33
C ASP A 39 21.08 30.78 11.08
N GLU A 40 21.03 30.67 12.40
CA GLU A 40 20.67 31.79 13.26
C GLU A 40 21.69 32.95 13.13
N ALA A 41 22.98 32.64 13.09
CA ALA A 41 23.94 33.72 12.85
C ALA A 41 23.33 34.66 11.84
N LYS A 42 23.22 34.18 10.60
CA LYS A 42 22.78 35.02 9.49
C LYS A 42 21.26 35.11 9.31
N LYS A 43 20.49 34.53 10.22
CA LYS A 43 19.05 34.63 10.09
C LYS A 43 18.53 33.98 8.83
N ARG A 44 18.93 32.76 8.56
CA ARG A 44 18.67 32.24 7.24
C ARG A 44 18.17 30.81 7.21
N SER A 45 17.20 30.55 6.33
CA SER A 45 16.80 29.17 5.94
C SER A 45 16.57 29.12 4.45
N ASN A 46 16.84 27.97 3.86
CA ASN A 46 16.61 27.75 2.45
C ASN A 46 15.69 26.56 2.32
N PRO A 47 14.37 26.76 2.50
CA PRO A 47 13.47 25.59 2.74
C PRO A 47 12.85 24.85 1.57
N TYR A 48 12.72 23.54 1.71
CA TYR A 48 11.87 22.77 0.82
C TYR A 48 11.04 21.82 1.65
N VAL A 49 9.94 21.42 1.09
CA VAL A 49 9.08 20.51 1.77
C VAL A 49 9.23 19.15 1.13
N LYS A 50 9.23 18.09 1.94
CA LYS A 50 9.17 16.76 1.37
C LYS A 50 7.99 15.99 1.99
N THR A 51 7.36 15.09 1.22
CA THR A 51 6.23 14.29 1.70
C THR A 51 6.55 12.79 1.57
N TYR A 52 6.03 12.00 2.52
CA TYR A 52 5.84 10.55 2.32
C TYR A 52 4.41 10.16 2.68
N LEU A 53 3.91 9.16 1.98
CA LEU A 53 2.75 8.41 2.41
C LEU A 53 3.27 7.24 3.26
N LEU A 54 3.46 7.47 4.55
CA LEU A 54 4.02 6.48 5.43
C LEU A 54 3.18 5.22 5.21
N PRO A 55 3.81 4.03 5.26
CA PRO A 55 5.19 3.81 5.73
C PRO A 55 6.16 3.63 4.59
N ASP A 56 5.76 4.03 3.40
CA ASP A 56 6.67 4.00 2.32
C ASP A 56 7.60 5.24 2.40
N LYS A 57 8.79 5.02 2.96
CA LYS A 57 9.81 6.04 3.07
C LYS A 57 10.91 5.80 2.07
N SER A 58 10.63 4.95 1.09
CA SER A 58 11.55 4.73 -0.02
C SER A 58 11.69 6.02 -0.79
N ARG A 59 12.74 6.10 -1.59
CA ARG A 59 13.00 7.28 -2.40
C ARG A 59 11.84 7.60 -3.35
N GLN A 60 11.45 6.69 -4.24
CA GLN A 60 10.33 7.10 -5.10
C GLN A 60 8.99 6.99 -4.39
N GLY A 61 8.99 6.79 -3.07
CA GLY A 61 7.81 7.04 -2.25
C GLY A 61 7.82 8.52 -1.81
N LYS A 62 8.85 9.22 -2.28
CA LYS A 62 9.14 10.55 -1.78
C LYS A 62 8.67 11.57 -2.79
N ARG A 63 8.13 12.68 -2.32
CA ARG A 63 7.89 13.84 -3.20
C ARG A 63 8.54 15.07 -2.54
N LYS A 64 8.81 16.10 -3.32
CA LYS A 64 9.41 17.29 -2.72
C LYS A 64 9.12 18.49 -3.58
N THR A 65 9.02 19.65 -2.95
CA THR A 65 8.94 20.93 -3.63
C THR A 65 10.38 21.37 -4.01
N SER A 66 10.49 22.44 -4.78
CA SER A 66 11.77 23.07 -5.04
C SER A 66 12.15 23.75 -3.76
N ILE A 67 13.33 24.39 -3.78
CA ILE A 67 13.89 25.05 -2.62
C ILE A 67 13.79 26.55 -2.73
N LYS A 68 13.35 27.24 -1.67
CA LYS A 68 13.38 28.71 -1.70
C LYS A 68 14.61 29.18 -0.97
N ARG A 69 15.17 30.29 -1.40
CA ARG A 69 16.45 30.72 -0.88
C ARG A 69 16.19 31.79 0.14
N ASP A 70 16.82 31.69 1.28
CA ASP A 70 16.77 32.75 2.25
C ASP A 70 15.36 33.25 2.60
N THR A 71 14.52 32.38 3.16
CA THR A 71 13.22 32.82 3.66
C THR A 71 12.67 31.82 4.68
N VAL A 72 11.95 32.32 5.69
CA VAL A 72 11.23 31.47 6.65
C VAL A 72 9.72 31.46 6.42
N ASN A 73 9.28 32.17 5.37
CA ASN A 73 7.89 32.16 4.85
C ASN A 73 7.81 31.76 3.38
N PRO A 74 8.35 30.58 3.04
CA PRO A 74 8.29 30.18 1.64
C PRO A 74 6.88 30.01 1.06
N LEU A 75 6.71 30.46 -0.18
CA LEU A 75 5.48 30.35 -0.86
C LEU A 75 5.81 29.43 -2.03
N TYR A 76 5.21 28.25 -2.09
CA TYR A 76 5.52 27.25 -3.09
C TYR A 76 4.47 27.16 -4.22
N ASP A 77 3.20 26.98 -3.79
CA ASP A 77 2.14 26.56 -4.71
C ASP A 77 2.55 25.50 -5.71
N GLU A 78 2.97 24.34 -5.19
CA GLU A 78 3.47 23.27 -6.03
C GLU A 78 2.70 22.04 -5.69
N THR A 79 2.27 21.31 -6.70
CA THR A 79 1.48 20.08 -6.51
C THR A 79 2.34 18.85 -6.54
N LEU A 80 2.16 17.99 -5.54
CA LEU A 80 2.88 16.76 -5.44
C LEU A 80 1.77 15.74 -5.62
N ARG A 81 2.06 14.62 -6.29
CA ARG A 81 0.95 13.75 -6.69
C ARG A 81 1.30 12.31 -6.47
N TYR A 82 0.43 11.58 -5.79
CA TYR A 82 0.62 10.17 -5.54
C TYR A 82 -0.47 9.42 -6.30
N GLU A 83 -0.06 8.80 -7.40
CA GLU A 83 -0.91 7.85 -8.07
C GLU A 83 -1.13 6.68 -7.13
N ILE A 84 -2.38 6.37 -6.80
CA ILE A 84 -2.67 5.32 -5.82
C ILE A 84 -4.18 5.04 -5.71
N PRO A 85 -4.62 3.87 -6.22
CA PRO A 85 -6.01 3.52 -5.94
C PRO A 85 -6.35 3.93 -4.49
N GLU A 86 -7.63 3.99 -4.16
CA GLU A 86 -8.12 4.62 -2.93
C GLU A 86 -8.11 3.69 -1.74
N SER A 87 -8.17 2.38 -2.03
CA SER A 87 -8.26 1.33 -1.01
C SER A 87 -7.01 1.30 -0.15
N LEU A 88 -5.88 1.56 -0.78
CA LEU A 88 -4.61 1.54 -0.10
C LEU A 88 -4.31 2.85 0.65
N LEU A 89 -5.10 3.88 0.41
CA LEU A 89 -4.87 5.19 1.02
C LEU A 89 -5.32 5.15 2.47
N ALA A 90 -6.34 4.33 2.74
CA ALA A 90 -6.99 4.34 4.03
C ALA A 90 -6.08 3.78 5.13
N GLN A 91 -4.98 3.19 4.68
CA GLN A 91 -3.94 2.65 5.55
C GLN A 91 -2.82 3.66 5.89
N ARG A 92 -2.67 4.69 5.06
CA ARG A 92 -1.50 5.54 5.13
C ARG A 92 -1.64 6.81 5.98
N THR A 93 -0.49 7.40 6.29
CA THR A 93 -0.39 8.71 6.89
C THR A 93 0.48 9.55 5.95
N LEU A 94 -0.04 10.69 5.52
CA LEU A 94 0.74 11.64 4.71
C LEU A 94 1.62 12.52 5.64
N GLN A 95 2.93 12.47 5.46
CA GLN A 95 3.79 13.21 6.35
C GLN A 95 4.56 14.26 5.57
N PHE A 96 4.40 15.52 5.96
CA PHE A 96 5.22 16.62 5.44
C PHE A 96 6.41 16.82 6.35
N SER A 97 7.59 17.04 5.80
CA SER A 97 8.69 17.50 6.62
C SER A 97 9.45 18.58 5.86
N VAL A 98 9.93 19.57 6.60
CA VAL A 98 10.48 20.78 6.04
C VAL A 98 12.01 20.75 6.32
N TRP A 99 12.80 21.16 5.34
CA TRP A 99 14.26 20.95 5.42
C TRP A 99 14.99 22.19 4.94
N HIS A 100 16.07 22.55 5.63
CA HIS A 100 16.94 23.60 5.18
C HIS A 100 18.01 23.00 4.25
N HIS A 101 18.08 23.45 3.01
CA HIS A 101 19.15 22.97 2.15
C HIS A 101 20.34 23.87 2.35
N GLY A 102 21.38 23.35 2.99
CA GLY A 102 22.45 24.22 3.47
C GLY A 102 23.82 24.00 2.86
N ARG A 103 24.84 24.48 3.59
CA ARG A 103 26.25 24.44 3.17
C ARG A 103 26.62 23.01 2.70
N PHE A 104 27.40 22.91 1.65
CA PHE A 104 27.79 21.60 1.13
C PHE A 104 26.61 20.70 0.86
N GLY A 105 25.42 21.26 0.81
CA GLY A 105 24.26 20.41 0.55
C GLY A 105 23.77 19.64 1.76
N ARG A 106 24.28 19.94 2.94
CA ARG A 106 23.71 19.31 4.14
C ARG A 106 22.24 19.73 4.29
N ASN A 107 21.36 18.78 4.59
CA ASN A 107 19.96 19.13 4.82
C ASN A 107 19.60 19.07 6.29
N THR A 108 19.07 20.17 6.83
CA THR A 108 18.71 20.25 8.24
C THR A 108 17.19 20.29 8.47
N PHE A 109 16.71 19.46 9.37
CA PHE A 109 15.29 19.29 9.65
C PHE A 109 14.76 20.55 10.26
N LEU A 110 13.63 21.03 9.75
CA LEU A 110 12.97 22.25 10.23
C LEU A 110 11.57 21.97 10.79
N GLY A 111 11.15 20.73 10.83
CA GLY A 111 9.81 20.45 11.32
C GLY A 111 8.98 19.49 10.48
N GLU A 112 7.94 18.97 11.09
CA GLU A 112 7.19 17.89 10.55
C GLU A 112 5.72 18.01 10.91
N ALA A 113 4.84 17.54 10.05
CA ALA A 113 3.42 17.38 10.42
C ALA A 113 2.80 16.22 9.62
N GLU A 114 1.72 15.68 10.13
CA GLU A 114 1.08 14.51 9.52
C GLU A 114 -0.43 14.63 9.44
N ILE A 115 -1.01 13.90 8.51
CA ILE A 115 -2.44 13.71 8.53
C ILE A 115 -2.76 12.26 8.10
N GLN A 116 -3.54 11.58 8.92
CA GLN A 116 -3.97 10.18 8.66
C GLN A 116 -5.04 10.11 7.59
N MET A 117 -4.86 9.26 6.59
CA MET A 117 -5.74 9.28 5.44
C MET A 117 -7.07 8.66 5.79
N ASP A 118 -7.05 7.66 6.68
CA ASP A 118 -8.29 6.93 7.02
C ASP A 118 -9.40 7.87 7.44
N SER A 119 -9.17 8.71 8.45
CA SER A 119 -10.16 9.73 8.78
C SER A 119 -10.34 10.83 7.71
N TRP A 120 -9.25 11.30 7.09
CA TRP A 120 -9.38 12.26 5.99
C TRP A 120 -10.31 11.76 4.86
N LYS A 121 -10.17 10.48 4.49
CA LYS A 121 -10.92 9.92 3.38
C LYS A 121 -12.45 10.14 3.45
N LEU A 122 -13.01 10.30 4.64
CA LEU A 122 -14.46 10.43 4.72
C LEU A 122 -14.96 11.71 4.02
N ASP A 123 -14.60 12.87 4.56
CA ASP A 123 -15.12 14.10 3.96
C ASP A 123 -14.14 14.76 3.03
N LYS A 124 -12.92 14.26 3.04
CA LYS A 124 -11.87 14.80 2.19
C LYS A 124 -11.86 16.31 2.22
N LYS A 125 -11.81 16.88 3.42
CA LYS A 125 -11.69 18.34 3.55
C LYS A 125 -10.53 18.82 2.66
N LEU A 126 -10.75 19.93 1.94
CA LEU A 126 -9.77 20.40 0.95
C LEU A 126 -8.55 21.11 1.59
N ASP A 127 -8.81 22.09 2.45
CA ASP A 127 -7.77 22.98 2.95
C ASP A 127 -7.34 22.69 4.42
N HIS A 128 -6.04 22.79 4.67
CA HIS A 128 -5.41 22.46 5.95
C HIS A 128 -4.28 23.40 6.28
N CYS A 129 -4.06 23.58 7.59
CA CYS A 129 -2.98 24.37 8.08
C CYS A 129 -2.55 23.76 9.38
N LEU A 130 -1.36 23.15 9.41
CA LEU A 130 -0.91 22.39 10.57
C LEU A 130 0.35 23.01 11.20
N PRO A 131 0.44 22.99 12.55
CA PRO A 131 1.69 23.44 13.20
C PRO A 131 2.76 22.37 12.98
N LEU A 132 4.01 22.77 12.80
CA LEU A 132 5.07 21.82 12.71
C LEU A 132 5.57 21.29 14.10
N HIS A 133 5.95 20.03 14.17
CA HIS A 133 6.50 19.40 15.36
C HIS A 133 7.99 19.16 15.19
N GLY A 134 8.73 19.15 16.32
CA GLY A 134 10.12 18.76 16.35
C GLY A 134 10.22 17.25 16.35
N LYS A 135 11.42 16.70 16.44
CA LYS A 135 11.55 15.25 16.55
C LYS A 135 12.36 14.91 17.80
N ILE B 6 -22.76 -23.50 -1.66
CA ILE B 6 -21.88 -24.73 -1.58
C ILE B 6 -21.33 -24.78 -0.17
N PHE B 7 -21.20 -25.99 0.37
CA PHE B 7 -20.65 -26.18 1.70
C PHE B 7 -19.13 -26.38 1.58
N VAL B 8 -18.35 -25.36 1.96
CA VAL B 8 -16.91 -25.35 1.70
C VAL B 8 -16.18 -26.44 2.50
N THR B 9 -15.30 -27.18 1.86
CA THR B 9 -14.46 -28.19 2.52
C THR B 9 -13.03 -28.06 1.94
N GLY B 10 -12.08 -28.75 2.57
CA GLY B 10 -10.75 -28.91 2.07
C GLY B 10 -9.78 -27.82 2.51
N ARG B 11 -8.59 -27.88 1.91
CA ARG B 11 -7.43 -27.11 2.34
C ARG B 11 -6.65 -26.62 1.14
N ILE B 12 -5.89 -25.56 1.36
CA ILE B 12 -4.98 -25.08 0.35
C ILE B 12 -3.54 -25.08 0.84
N ALA B 13 -2.62 -25.63 0.03
CA ALA B 13 -1.19 -25.56 0.34
C ALA B 13 -0.42 -24.58 -0.56
N PHE B 14 0.52 -23.83 0.01
CA PHE B 14 1.26 -22.83 -0.75
C PHE B 14 2.53 -22.47 0.03
N SER B 15 3.46 -21.75 -0.61
CA SER B 15 4.66 -21.26 0.08
C SER B 15 4.76 -19.78 -0.23
N LEU B 16 5.44 -19.05 0.66
CA LEU B 16 5.57 -17.61 0.58
C LEU B 16 7.04 -17.28 0.76
N LYS B 17 7.56 -16.46 -0.13
CA LYS B 17 8.88 -15.90 0.04
C LYS B 17 8.84 -14.41 -0.31
N TYR B 18 9.66 -13.62 0.35
CA TYR B 18 9.92 -12.26 -0.10
C TYR B 18 11.33 -12.19 -0.69
N GLU B 19 11.42 -12.09 -2.02
CA GLU B 19 12.69 -11.85 -2.70
C GLU B 19 13.05 -10.36 -2.66
N GLN B 20 13.99 -10.02 -1.81
CA GLN B 20 14.59 -8.68 -1.83
C GLN B 20 15.33 -8.41 -3.15
N GLN B 21 16.00 -9.42 -3.70
CA GLN B 21 16.78 -9.21 -4.91
C GLN B 21 15.88 -8.70 -6.02
N THR B 22 14.59 -9.04 -5.93
CA THR B 22 13.64 -8.69 -6.98
C THR B 22 12.45 -7.93 -6.40
N GLN B 23 12.61 -7.41 -5.18
CA GLN B 23 11.55 -6.72 -4.41
C GLN B 23 10.11 -7.22 -4.62
N SER B 24 9.84 -8.49 -4.33
CA SER B 24 8.49 -9.01 -4.59
C SER B 24 8.12 -10.23 -3.73
N LEU B 25 6.88 -10.25 -3.27
CA LEU B 25 6.33 -11.39 -2.57
C LEU B 25 6.08 -12.45 -3.62
N VAL B 26 6.66 -13.62 -3.40
CA VAL B 26 6.44 -14.74 -4.26
C VAL B 26 5.54 -15.75 -3.54
N VAL B 27 4.36 -15.92 -4.11
CA VAL B 27 3.39 -16.84 -3.60
C VAL B 27 3.38 -18.04 -4.51
N HIS B 28 3.92 -19.15 -4.07
CA HIS B 28 3.80 -20.33 -4.89
C HIS B 28 2.56 -21.15 -4.51
N VAL B 29 1.58 -21.21 -5.40
CA VAL B 29 0.42 -22.07 -5.13
C VAL B 29 0.67 -23.53 -5.51
N LYS B 30 0.66 -24.41 -4.54
CA LYS B 30 0.91 -25.83 -4.78
C LYS B 30 -0.29 -26.63 -5.24
N GLU B 31 -1.34 -26.65 -4.43
CA GLU B 31 -2.42 -27.60 -4.67
C GLU B 31 -3.57 -27.37 -3.68
N CYS B 32 -4.78 -27.78 -4.07
CA CYS B 32 -5.90 -27.88 -3.13
C CYS B 32 -6.24 -29.36 -2.93
N HIS B 33 -6.84 -29.65 -1.80
CA HIS B 33 -7.21 -30.97 -1.42
C HIS B 33 -8.67 -30.97 -0.92
N GLN B 34 -9.50 -31.90 -1.43
CA GLN B 34 -10.89 -32.11 -1.00
C GLN B 34 -11.74 -30.87 -1.07
N LEU B 35 -11.65 -30.17 -2.21
CA LEU B 35 -12.56 -29.09 -2.50
C LEU B 35 -13.99 -29.65 -2.57
N ALA B 36 -14.99 -28.81 -2.35
CA ALA B 36 -16.37 -29.25 -2.62
C ALA B 36 -16.63 -29.43 -4.12
N TYR B 37 -17.68 -30.18 -4.47
CA TYR B 37 -18.16 -30.27 -5.83
C TYR B 37 -19.03 -29.05 -6.10
N ALA B 38 -18.72 -28.28 -7.15
CA ALA B 38 -19.59 -27.18 -7.56
C ALA B 38 -20.82 -27.76 -8.30
N ASP B 39 -20.62 -28.85 -8.99
CA ASP B 39 -21.71 -29.54 -9.65
C ASP B 39 -21.86 -30.88 -8.97
N GLU B 40 -22.78 -30.93 -8.02
CA GLU B 40 -23.02 -32.11 -7.21
C GLU B 40 -23.43 -33.30 -8.11
N ALA B 41 -24.51 -33.14 -8.84
CA ALA B 41 -24.93 -34.17 -9.78
C ALA B 41 -23.70 -34.89 -10.39
N LYS B 42 -22.95 -34.17 -11.22
CA LYS B 42 -21.79 -34.74 -11.90
C LYS B 42 -20.56 -34.99 -11.02
N LYS B 43 -20.59 -34.58 -9.74
CA LYS B 43 -19.40 -34.74 -8.94
C LYS B 43 -18.25 -33.93 -9.52
N ARG B 44 -18.47 -32.66 -9.81
CA ARG B 44 -17.49 -31.93 -10.59
C ARG B 44 -17.17 -30.53 -10.11
N SER B 45 -15.88 -30.18 -10.17
CA SER B 45 -15.40 -28.80 -10.00
C SER B 45 -14.30 -28.57 -11.03
N ASN B 46 -14.20 -27.33 -11.50
CA ASN B 46 -13.13 -26.93 -12.38
C ASN B 46 -12.44 -25.75 -11.72
N PRO B 47 -11.51 -26.01 -10.81
CA PRO B 47 -10.99 -24.97 -9.89
C PRO B 47 -9.79 -24.13 -10.30
N TYR B 48 -9.83 -22.85 -9.96
CA TYR B 48 -8.63 -22.03 -9.99
C TYR B 48 -8.56 -21.26 -8.69
N VAL B 49 -7.38 -20.79 -8.39
CA VAL B 49 -7.16 -20.05 -7.18
C VAL B 49 -6.91 -18.61 -7.56
N LYS B 50 -7.51 -17.69 -6.82
CA LYS B 50 -7.24 -16.27 -6.99
C LYS B 50 -6.70 -15.67 -5.67
N THR B 51 -5.78 -14.71 -5.77
CA THR B 51 -5.21 -14.07 -4.60
C THR B 51 -5.45 -12.56 -4.70
N TYR B 52 -5.60 -11.92 -3.54
CA TYR B 52 -5.46 -10.47 -3.39
C TYR B 52 -4.60 -10.19 -2.16
N LEU B 53 -3.85 -9.09 -2.23
CA LEU B 53 -3.23 -8.51 -1.05
C LEU B 53 -4.23 -7.44 -0.61
N LEU B 54 -5.11 -7.83 0.32
CA LEU B 54 -6.17 -6.95 0.76
C LEU B 54 -5.42 -5.76 1.37
N PRO B 55 -6.01 -4.56 1.32
CA PRO B 55 -7.39 -4.32 0.87
C PRO B 55 -7.50 -4.01 -0.59
N ASP B 56 -6.44 -4.21 -1.35
CA ASP B 56 -6.46 -3.98 -2.76
C ASP B 56 -7.16 -5.14 -3.53
N LYS B 57 -8.42 -4.91 -3.88
CA LYS B 57 -9.26 -5.87 -4.59
C LYS B 57 -9.48 -5.43 -6.03
N SER B 58 -8.67 -4.47 -6.46
CA SER B 58 -8.66 -4.05 -7.86
C SER B 58 -8.32 -5.23 -8.73
N ARG B 59 -8.76 -5.19 -9.99
CA ARG B 59 -8.46 -6.26 -10.90
C ARG B 59 -6.96 -6.37 -11.04
N GLN B 60 -6.25 -5.25 -10.97
CA GLN B 60 -4.82 -5.32 -11.25
C GLN B 60 -4.01 -5.69 -10.01
N GLY B 61 -4.68 -5.80 -8.87
CA GLY B 61 -4.08 -6.31 -7.63
C GLY B 61 -4.46 -7.78 -7.44
N LYS B 62 -4.94 -8.37 -8.54
CA LYS B 62 -5.44 -9.73 -8.57
C LYS B 62 -4.41 -10.65 -9.21
N ARG B 63 -4.21 -11.82 -8.63
CA ARG B 63 -3.40 -12.86 -9.30
C ARG B 63 -4.27 -14.10 -9.35
N LYS B 64 -4.04 -14.97 -10.32
CA LYS B 64 -4.82 -16.21 -10.38
C LYS B 64 -3.99 -17.29 -11.04
N THR B 65 -4.29 -18.54 -10.71
CA THR B 65 -3.73 -19.69 -11.35
C THR B 65 -4.58 -20.00 -12.60
N SER B 66 -4.12 -20.93 -13.42
CA SER B 66 -4.95 -21.47 -14.48
C SER B 66 -6.02 -22.32 -13.85
N ILE B 67 -6.89 -22.85 -14.70
CA ILE B 67 -8.03 -23.61 -14.25
C ILE B 67 -7.83 -25.10 -14.46
N LYS B 68 -8.09 -25.93 -13.46
CA LYS B 68 -7.99 -27.38 -13.70
C LYS B 68 -9.39 -27.94 -13.98
N ARG B 69 -9.48 -28.97 -14.79
CA ARG B 69 -10.78 -29.43 -15.26
C ARG B 69 -11.15 -30.63 -14.48
N ASP B 70 -12.35 -30.65 -13.97
CA ASP B 70 -12.87 -31.84 -13.32
C ASP B 70 -11.92 -32.43 -12.29
N THR B 71 -11.69 -31.70 -11.20
CA THR B 71 -10.91 -32.29 -10.08
C THR B 71 -11.18 -31.51 -8.82
N VAL B 72 -11.24 -32.21 -7.68
CA VAL B 72 -11.33 -31.56 -6.36
C VAL B 72 -9.98 -31.55 -5.59
N ASN B 73 -8.94 -32.05 -6.25
CA ASN B 73 -7.55 -32.07 -5.75
C ASN B 73 -6.59 -31.47 -6.77
N PRO B 74 -6.86 -30.24 -7.20
CA PRO B 74 -5.99 -29.65 -8.18
C PRO B 74 -4.54 -29.44 -7.73
N LEU B 75 -3.62 -29.78 -8.63
CA LEU B 75 -2.21 -29.61 -8.39
C LEU B 75 -1.78 -28.51 -9.36
N TYR B 76 -1.32 -27.37 -8.85
CA TYR B 76 -1.04 -26.19 -9.68
C TYR B 76 0.47 -25.99 -9.87
N ASP B 77 1.19 -25.92 -8.74
CA ASP B 77 2.58 -25.47 -8.72
C ASP B 77 2.83 -24.30 -9.64
N GLU B 78 2.10 -23.20 -9.39
CA GLU B 78 2.22 -21.95 -10.16
C GLU B 78 2.56 -20.87 -9.19
N THR B 79 3.44 -19.97 -9.60
CA THR B 79 3.89 -18.87 -8.76
C THR B 79 3.18 -17.62 -9.15
N LEU B 80 2.67 -16.90 -8.17
CA LEU B 80 1.99 -15.66 -8.36
C LEU B 80 2.93 -14.71 -7.69
N ARG B 81 3.08 -13.51 -8.22
CA ARG B 81 4.11 -12.62 -7.68
C ARG B 81 3.60 -11.21 -7.54
N TYR B 82 3.80 -10.62 -6.37
CA TYR B 82 3.43 -9.24 -6.11
C TYR B 82 4.73 -8.44 -5.91
N GLU B 83 5.21 -7.82 -6.99
CA GLU B 83 6.35 -6.93 -6.86
C GLU B 83 5.87 -5.76 -6.04
N ILE B 84 6.42 -5.60 -4.85
CA ILE B 84 6.02 -4.58 -3.90
C ILE B 84 7.18 -4.41 -2.89
N PRO B 85 7.48 -3.15 -2.49
CA PRO B 85 8.43 -2.94 -1.41
C PRO B 85 7.92 -3.56 -0.11
N GLU B 86 8.80 -3.80 0.86
CA GLU B 86 8.45 -4.55 2.07
C GLU B 86 7.63 -3.77 3.09
N SER B 87 7.85 -2.45 3.14
CA SER B 87 7.18 -1.58 4.13
C SER B 87 5.67 -1.64 4.00
N LEU B 88 5.21 -1.69 2.76
CA LEU B 88 3.78 -1.73 2.47
C LEU B 88 3.17 -3.13 2.76
N LEU B 89 3.99 -4.17 2.62
CA LEU B 89 3.52 -5.54 2.82
C LEU B 89 2.94 -5.69 4.22
N ALA B 90 3.50 -4.96 5.18
CA ALA B 90 3.22 -5.23 6.60
C ALA B 90 1.80 -4.87 7.07
N GLN B 91 1.11 -4.07 6.26
CA GLN B 91 -0.29 -3.73 6.49
C GLN B 91 -1.27 -4.64 5.70
N ARG B 92 -0.75 -5.55 4.90
CA ARG B 92 -1.61 -6.28 3.98
C ARG B 92 -2.03 -7.64 4.52
N THR B 93 -3.10 -8.20 3.97
CA THR B 93 -3.53 -9.56 4.24
C THR B 93 -3.66 -10.25 2.89
N LEU B 94 -2.91 -11.33 2.71
CA LEU B 94 -2.98 -12.13 1.49
C LEU B 94 -4.20 -13.06 1.58
N GLN B 95 -5.13 -12.95 0.65
CA GLN B 95 -6.32 -13.75 0.68
C GLN B 95 -6.34 -14.68 -0.56
N PHE B 96 -6.46 -15.97 -0.32
CA PHE B 96 -6.65 -16.95 -1.40
C PHE B 96 -8.11 -17.20 -1.52
N SER B 97 -8.66 -17.32 -2.71
CA SER B 97 -9.98 -17.86 -2.80
C SER B 97 -10.06 -18.81 -4.00
N VAL B 98 -10.83 -19.87 -3.85
CA VAL B 98 -10.91 -20.93 -4.80
C VAL B 98 -12.30 -20.85 -5.50
N TRP B 99 -12.29 -21.01 -6.81
CA TRP B 99 -13.47 -20.76 -7.65
C TRP B 99 -13.66 -21.87 -8.66
N HIS B 100 -14.92 -22.25 -8.90
CA HIS B 100 -15.27 -23.21 -9.90
C HIS B 100 -15.55 -22.45 -11.19
N HIS B 101 -14.84 -22.76 -12.26
CA HIS B 101 -15.16 -22.09 -13.51
C HIS B 101 -16.17 -22.95 -14.23
N GLY B 102 -17.42 -22.48 -14.30
CA GLY B 102 -18.49 -23.35 -14.74
C GLY B 102 -19.19 -22.93 -16.02
N ARG B 103 -20.39 -23.47 -16.19
CA ARG B 103 -21.26 -23.26 -17.37
C ARG B 103 -21.36 -21.76 -17.72
N PHE B 104 -21.29 -21.46 -19.01
CA PHE B 104 -21.34 -20.08 -19.47
C PHE B 104 -20.29 -19.22 -18.80
N GLY B 105 -19.32 -19.85 -18.16
CA GLY B 105 -18.27 -19.05 -17.55
C GLY B 105 -18.68 -18.47 -16.21
N ARG B 106 -19.81 -18.88 -15.65
CA ARG B 106 -20.12 -18.45 -14.29
C ARG B 106 -19.08 -18.97 -13.30
N ASN B 107 -18.58 -18.13 -12.41
CA ASN B 107 -17.61 -18.58 -11.40
C ASN B 107 -18.25 -18.78 -10.04
N THR B 108 -18.07 -19.94 -9.43
CA THR B 108 -18.70 -20.25 -8.16
C THR B 108 -17.66 -20.41 -7.03
N PHE B 109 -17.91 -19.73 -5.93
CA PHE B 109 -16.99 -19.69 -4.78
C PHE B 109 -16.86 -21.07 -4.19
N LEU B 110 -15.63 -21.52 -4.01
CA LEU B 110 -15.35 -22.81 -3.36
C LEU B 110 -14.63 -22.70 -2.01
N GLY B 111 -14.42 -21.50 -1.51
CA GLY B 111 -13.70 -21.33 -0.23
C GLY B 111 -12.56 -20.31 -0.24
N GLU B 112 -12.19 -19.88 0.95
CA GLU B 112 -11.30 -18.77 1.16
C GLU B 112 -10.32 -19.07 2.29
N ALA B 113 -9.12 -18.49 2.24
CA ALA B 113 -8.23 -18.54 3.39
C ALA B 113 -7.30 -17.32 3.32
N GLU B 114 -6.83 -16.89 4.47
CA GLU B 114 -6.05 -15.64 4.60
C GLU B 114 -4.83 -15.84 5.45
N ILE B 115 -3.83 -15.00 5.22
CA ILE B 115 -2.74 -14.90 6.17
C ILE B 115 -2.30 -13.42 6.29
N GLN B 116 -2.31 -12.89 7.51
CA GLN B 116 -1.86 -11.49 7.81
C GLN B 116 -0.35 -11.31 7.54
N MET B 117 0.03 -10.30 6.75
CA MET B 117 1.42 -10.19 6.37
C MET B 117 2.27 -9.69 7.52
N ASP B 118 1.66 -8.89 8.39
CA ASP B 118 2.40 -8.24 9.49
C ASP B 118 3.13 -9.26 10.37
N SER B 119 2.40 -10.23 10.93
CA SER B 119 3.07 -11.29 11.68
C SER B 119 3.84 -12.31 10.83
N TRP B 120 3.43 -12.56 9.58
CA TRP B 120 4.24 -13.42 8.70
C TRP B 120 5.66 -12.85 8.50
N LYS B 121 5.75 -11.52 8.33
CA LYS B 121 7.00 -10.87 7.98
C LYS B 121 8.16 -11.14 8.96
N LEU B 122 7.87 -11.54 10.19
CA LEU B 122 8.97 -11.74 11.12
C LEU B 122 9.86 -12.92 10.71
N ASP B 123 9.30 -14.13 10.73
CA ASP B 123 10.13 -15.28 10.44
C ASP B 123 9.95 -15.75 9.03
N LYS B 124 9.00 -15.12 8.35
CA LYS B 124 8.67 -15.51 6.97
C LYS B 124 8.67 -17.01 6.77
N LYS B 125 7.88 -17.72 7.57
CA LYS B 125 7.76 -19.18 7.36
C LYS B 125 7.49 -19.47 5.89
N LEU B 126 8.18 -20.46 5.33
CA LEU B 126 8.06 -20.80 3.90
C LEU B 126 6.74 -21.52 3.55
N ASP B 127 6.50 -22.67 4.17
CA ASP B 127 5.41 -23.55 3.77
C ASP B 127 4.16 -23.45 4.69
N HIS B 128 2.98 -23.52 4.05
CA HIS B 128 1.69 -23.32 4.70
C HIS B 128 0.63 -24.22 4.15
N CYS B 129 -0.31 -24.58 5.01
CA CYS B 129 -1.43 -25.38 4.61
C CYS B 129 -2.63 -24.93 5.41
N LEU B 130 -3.61 -24.30 4.76
CA LEU B 130 -4.74 -23.73 5.50
C LEU B 130 -6.10 -24.37 5.12
N PRO B 131 -7.00 -24.49 6.10
CA PRO B 131 -8.37 -24.95 5.78
C PRO B 131 -9.12 -23.81 5.12
N LEU B 132 -9.97 -24.13 4.15
CA LEU B 132 -10.80 -23.13 3.52
C LEU B 132 -12.07 -22.82 4.37
N HIS B 133 -12.49 -21.56 4.33
CA HIS B 133 -13.66 -21.04 5.02
C HIS B 133 -14.74 -20.68 3.99
N GLY B 134 -16.01 -20.86 4.36
CA GLY B 134 -17.14 -20.36 3.58
C GLY B 134 -17.27 -18.87 3.77
N LYS B 135 -18.26 -18.24 3.15
CA LYS B 135 -18.45 -16.79 3.34
C LYS B 135 -19.85 -16.54 3.87
#